data_7BPU
#
_entry.id   7BPU
#
_cell.length_a   70.360
_cell.length_b   134.060
_cell.length_c   79.800
_cell.angle_alpha   90.000
_cell.angle_beta   90.000
_cell.angle_gamma   90.000
#
_symmetry.space_group_name_H-M   'P 21 21 2'
#
loop_
_entity.id
_entity.type
_entity.pdbx_description
1 polymer 'Digeranylgeranylglyceryl phosphate synthase'
2 non-polymer 'PHOSPHATE ION'
#
_entity_poly.entity_id   1
_entity_poly.type   'polypeptide(L)'
_entity_poly.pdbx_seq_one_letter_code
;MGVFMEKLKTYLELIRVKNCITASIGGIIGYLISSNFEIDILKSLLVFFVVFFVCAYGNVINDIFDIEIDRINKPSRPLP
SGKIKLNEAKKFSAILLILGLVLSLFINIYALIIAVINALFLYLYAKKYKKYKPIGNFIIGYLTGSVFLFGGVAGKNVMP
VVILFLCSLLSIWGREIVKDFEDMEGDKKEGVISLPIKYGKKSLYFATFLVVLAVILSPLPYILKIFGIWYLILIAICDI
LFIYAMALLLKEPNKETASKVSKFLKIIMNIVLLAFIVGAIKL
;
_entity_poly.pdbx_strand_id   A,B
#
# COMPACT_ATOMS: atom_id res chain seq x y z
N MET A 5 21.56 -1.48 -7.32
CA MET A 5 22.29 -0.22 -7.40
C MET A 5 21.39 0.98 -7.83
N GLU A 6 22.02 2.14 -8.13
CA GLU A 6 21.35 3.36 -8.58
C GLU A 6 20.76 3.20 -9.99
N LYS A 7 21.37 2.30 -10.81
CA LYS A 7 20.93 1.96 -12.17
C LYS A 7 19.70 1.03 -12.09
N LEU A 8 19.60 0.19 -11.03
CA LEU A 8 18.46 -0.71 -10.80
C LEU A 8 17.17 0.08 -10.59
N LYS A 9 17.21 1.13 -9.72
CA LYS A 9 16.06 1.98 -9.40
C LYS A 9 15.45 2.61 -10.65
N THR A 10 16.29 2.89 -11.66
CA THR A 10 15.89 3.43 -12.96
C THR A 10 14.97 2.41 -13.68
N TYR A 11 15.32 1.10 -13.64
CA TYR A 11 14.52 0.02 -14.22
C TYR A 11 13.22 -0.17 -13.45
N LEU A 12 13.25 -0.03 -12.09
CA LEU A 12 12.09 -0.12 -11.18
C LEU A 12 11.18 1.09 -11.37
N GLU A 13 11.76 2.23 -11.81
CA GLU A 13 11.08 3.49 -12.11
C GLU A 13 10.32 3.37 -13.44
N LEU A 14 10.93 2.64 -14.40
CA LEU A 14 10.39 2.38 -15.73
C LEU A 14 9.17 1.45 -15.67
N ILE A 15 9.30 0.24 -15.04
CA ILE A 15 8.22 -0.76 -14.89
C ILE A 15 7.08 -0.29 -13.98
N ARG A 16 7.35 0.74 -13.14
CA ARG A 16 6.42 1.29 -12.14
C ARG A 16 6.07 0.15 -11.18
N VAL A 17 7.07 -0.24 -10.35
CA VAL A 17 7.02 -1.35 -9.40
C VAL A 17 5.80 -1.27 -8.43
N LYS A 18 5.43 -0.05 -7.96
CA LYS A 18 4.29 0.16 -7.06
C LYS A 18 2.97 -0.22 -7.73
N ASN A 19 2.75 0.25 -8.98
CA ASN A 19 1.57 -0.03 -9.78
C ASN A 19 1.42 -1.53 -10.05
N CYS A 20 2.55 -2.23 -10.29
CA CYS A 20 2.60 -3.67 -10.55
C CYS A 20 2.26 -4.48 -9.31
N ILE A 21 2.76 -4.08 -8.13
CA ILE A 21 2.45 -4.75 -6.86
C ILE A 21 0.94 -4.63 -6.63
N THR A 22 0.39 -3.44 -6.94
CA THR A 22 -1.04 -3.11 -6.83
C THR A 22 -1.91 -4.05 -7.70
N ALA A 23 -1.55 -4.24 -8.99
CA ALA A 23 -2.25 -5.12 -9.92
C ALA A 23 -2.14 -6.58 -9.49
N SER A 24 -0.94 -6.99 -8.99
CA SER A 24 -0.64 -8.34 -8.52
C SER A 24 -1.46 -8.69 -7.29
N ILE A 25 -1.62 -7.73 -6.35
CA ILE A 25 -2.47 -7.86 -5.15
C ILE A 25 -3.94 -8.07 -5.62
N GLY A 26 -4.33 -7.36 -6.69
CA GLY A 26 -5.63 -7.51 -7.35
C GLY A 26 -5.80 -8.89 -7.96
N GLY A 27 -4.68 -9.50 -8.36
CA GLY A 27 -4.61 -10.85 -8.91
C GLY A 27 -4.83 -11.89 -7.83
N ILE A 28 -4.11 -11.77 -6.71
CA ILE A 28 -4.20 -12.65 -5.54
C ILE A 28 -5.63 -12.57 -4.97
N ILE A 29 -6.23 -11.35 -4.94
CA ILE A 29 -7.60 -11.10 -4.46
C ILE A 29 -8.58 -12.03 -5.19
N GLY A 30 -8.45 -12.08 -6.52
CA GLY A 30 -9.26 -12.94 -7.37
C GLY A 30 -9.03 -14.41 -7.10
N TYR A 31 -7.78 -14.78 -6.73
CA TYR A 31 -7.41 -16.15 -6.40
C TYR A 31 -8.01 -16.58 -5.07
N LEU A 32 -8.00 -15.67 -4.07
CA LEU A 32 -8.55 -15.90 -2.74
C LEU A 32 -10.05 -16.21 -2.81
N ILE A 33 -10.83 -15.34 -3.50
CA ILE A 33 -12.28 -15.48 -3.73
C ILE A 33 -12.60 -16.83 -4.42
N SER A 34 -11.85 -17.20 -5.47
CA SER A 34 -12.03 -18.42 -6.23
C SER A 34 -11.73 -19.72 -5.46
N SER A 35 -10.67 -19.73 -4.63
CA SER A 35 -10.27 -20.88 -3.82
C SER A 35 -11.01 -20.90 -2.45
N ASN A 36 -11.83 -19.85 -2.18
CA ASN A 36 -12.62 -19.60 -0.96
C ASN A 36 -11.70 -19.45 0.27
N PHE A 37 -10.57 -18.72 0.07
CA PHE A 37 -9.48 -18.41 0.98
C PHE A 37 -8.57 -19.62 1.27
N GLU A 38 -8.70 -20.70 0.46
CA GLU A 38 -7.88 -21.91 0.58
C GLU A 38 -6.68 -21.85 -0.39
N ILE A 39 -5.63 -21.13 0.06
CA ILE A 39 -4.39 -20.81 -0.63
C ILE A 39 -3.39 -21.97 -0.73
N ASP A 40 -2.72 -22.05 -1.90
CA ASP A 40 -1.60 -22.93 -2.21
C ASP A 40 -0.49 -21.96 -2.57
N ILE A 41 0.64 -22.01 -1.82
CA ILE A 41 1.80 -21.11 -2.00
C ILE A 41 2.35 -21.15 -3.44
N LEU A 42 2.35 -22.33 -4.07
CA LEU A 42 2.82 -22.51 -5.43
C LEU A 42 1.90 -21.86 -6.47
N LYS A 43 0.58 -21.98 -6.34
CA LYS A 43 -0.32 -21.31 -7.28
C LYS A 43 -0.33 -19.79 -7.03
N SER A 44 -0.27 -19.37 -5.73
CA SER A 44 -0.21 -17.97 -5.27
C SER A 44 1.00 -17.24 -5.82
N LEU A 45 2.15 -17.95 -5.94
CA LEU A 45 3.37 -17.35 -6.46
C LEU A 45 3.33 -17.13 -7.95
N LEU A 46 2.72 -18.06 -8.72
CA LEU A 46 2.55 -17.92 -10.18
C LEU A 46 1.64 -16.73 -10.47
N VAL A 47 0.45 -16.66 -9.81
CA VAL A 47 -0.55 -15.59 -9.95
C VAL A 47 0.08 -14.21 -9.69
N PHE A 48 0.86 -14.09 -8.59
CA PHE A 48 1.52 -12.82 -8.24
C PHE A 48 2.56 -12.39 -9.27
N PHE A 49 3.29 -13.34 -9.90
CA PHE A 49 4.31 -12.93 -10.84
C PHE A 49 3.85 -12.84 -12.29
N VAL A 50 2.84 -13.65 -12.73
CA VAL A 50 2.33 -13.52 -14.11
C VAL A 50 1.71 -12.12 -14.25
N VAL A 51 0.94 -11.68 -13.22
CA VAL A 51 0.31 -10.37 -13.19
C VAL A 51 1.37 -9.27 -13.05
N PHE A 52 2.45 -9.54 -12.29
CA PHE A 52 3.55 -8.59 -12.12
C PHE A 52 4.33 -8.34 -13.43
N PHE A 53 4.69 -9.41 -14.17
CA PHE A 53 5.46 -9.28 -15.40
C PHE A 53 4.65 -8.72 -16.58
N VAL A 54 3.36 -9.12 -16.73
CA VAL A 54 2.45 -8.65 -17.78
C VAL A 54 2.19 -7.14 -17.59
N CYS A 55 2.08 -6.74 -16.31
CA CYS A 55 1.89 -5.36 -15.88
C CYS A 55 3.17 -4.57 -16.10
N ALA A 56 4.33 -5.18 -15.77
CA ALA A 56 5.65 -4.58 -15.99
C ALA A 56 5.87 -4.35 -17.49
N TYR A 57 5.46 -5.33 -18.35
CA TYR A 57 5.55 -5.25 -19.82
C TYR A 57 4.68 -4.11 -20.37
N GLY A 58 3.43 -4.03 -19.93
CA GLY A 58 2.50 -2.99 -20.35
C GLY A 58 3.04 -1.62 -20.05
N ASN A 59 3.53 -1.42 -18.80
CA ASN A 59 4.13 -0.19 -18.30
C ASN A 59 5.41 0.23 -19.07
N VAL A 60 6.21 -0.76 -19.55
CA VAL A 60 7.46 -0.56 -20.30
C VAL A 60 7.18 -0.26 -21.77
N ILE A 61 6.23 -0.99 -22.40
CA ILE A 61 5.87 -0.77 -23.81
C ILE A 61 5.18 0.60 -24.00
N ASN A 62 4.57 1.15 -22.93
CA ASN A 62 3.92 2.46 -22.95
C ASN A 62 4.95 3.58 -23.00
N ASP A 63 6.02 3.49 -22.20
CA ASP A 63 7.09 4.49 -22.12
C ASP A 63 7.87 4.59 -23.43
N ILE A 64 7.95 3.48 -24.21
CA ILE A 64 8.64 3.39 -25.51
C ILE A 64 7.89 4.20 -26.59
N PHE A 65 6.55 4.02 -26.70
CA PHE A 65 5.70 4.72 -27.66
C PHE A 65 5.47 6.20 -27.29
N ASP A 66 5.55 6.51 -25.99
CA ASP A 66 5.35 7.85 -25.48
C ASP A 66 6.65 8.61 -25.21
N ILE A 67 7.80 8.17 -25.82
CA ILE A 67 9.10 8.84 -25.61
C ILE A 67 9.11 10.22 -26.25
N GLU A 68 8.51 10.35 -27.45
CA GLU A 68 8.43 11.60 -28.23
C GLU A 68 7.53 12.62 -27.55
N ILE A 69 6.49 12.13 -26.84
CA ILE A 69 5.51 12.93 -26.11
C ILE A 69 6.01 13.30 -24.71
N ASP A 70 6.72 12.37 -24.01
CA ASP A 70 7.26 12.58 -22.65
C ASP A 70 8.46 13.54 -22.63
N ARG A 71 9.01 13.91 -23.79
CA ARG A 71 10.10 14.89 -23.86
C ARG A 71 9.53 16.31 -23.60
N ILE A 72 8.19 16.38 -23.45
CA ILE A 72 7.40 17.57 -23.18
C ILE A 72 6.52 17.31 -21.93
N ASN A 73 5.50 16.44 -22.11
CA ASN A 73 4.49 16.05 -21.11
C ASN A 73 5.07 15.66 -19.74
N LYS A 74 5.67 14.47 -19.63
CA LYS A 74 6.26 13.98 -18.37
C LYS A 74 7.80 13.78 -18.50
N PRO A 75 8.62 14.86 -18.42
CA PRO A 75 10.08 14.68 -18.50
C PRO A 75 10.62 14.16 -17.17
N SER A 76 11.94 13.81 -17.13
CA SER A 76 12.68 13.23 -15.99
C SER A 76 12.42 11.71 -15.83
N ARG A 77 11.56 11.14 -16.71
CA ARG A 77 11.23 9.71 -16.75
C ARG A 77 12.43 8.92 -17.33
N PRO A 78 12.61 7.60 -17.02
CA PRO A 78 13.81 6.89 -17.50
C PRO A 78 14.18 7.09 -18.97
N LEU A 79 13.22 6.89 -19.88
CA LEU A 79 13.47 6.99 -21.32
C LEU A 79 13.73 8.43 -21.85
N PRO A 80 12.87 9.47 -21.63
CA PRO A 80 13.18 10.81 -22.19
C PRO A 80 14.35 11.54 -21.53
N SER A 81 14.78 11.09 -20.33
CA SER A 81 15.90 11.68 -19.56
C SER A 81 17.24 10.94 -19.78
N GLY A 82 17.37 10.24 -20.90
CA GLY A 82 18.57 9.51 -21.29
C GLY A 82 19.01 8.33 -20.43
N LYS A 83 18.48 8.22 -19.18
CA LYS A 83 18.78 7.16 -18.19
C LYS A 83 18.81 5.75 -18.81
N ILE A 84 17.87 5.47 -19.72
CA ILE A 84 17.77 4.21 -20.47
C ILE A 84 17.63 4.55 -21.99
N LYS A 85 18.48 3.94 -22.84
CA LYS A 85 18.43 4.10 -24.30
C LYS A 85 17.18 3.37 -24.80
N LEU A 86 16.56 3.83 -25.92
CA LEU A 86 15.32 3.21 -26.42
C LEU A 86 15.44 1.69 -26.65
N ASN A 87 16.60 1.23 -27.14
CA ASN A 87 16.88 -0.18 -27.40
C ASN A 87 17.03 -1.01 -26.13
N GLU A 88 17.55 -0.38 -25.03
CA GLU A 88 17.68 -1.01 -23.71
C GLU A 88 16.28 -1.38 -23.23
N ALA A 89 15.31 -0.45 -23.39
CA ALA A 89 13.91 -0.63 -23.01
C ALA A 89 13.19 -1.67 -23.85
N LYS A 90 13.39 -1.65 -25.18
CA LYS A 90 12.79 -2.57 -26.15
C LYS A 90 13.15 -4.02 -25.85
N LYS A 91 14.45 -4.28 -25.50
CA LYS A 91 14.98 -5.62 -25.16
C LYS A 91 14.39 -6.11 -23.84
N PHE A 92 14.26 -5.18 -22.88
CA PHE A 92 13.69 -5.39 -21.56
C PHE A 92 12.21 -5.80 -21.62
N SER A 93 11.36 -5.09 -22.43
CA SER A 93 9.94 -5.41 -22.57
C SER A 93 9.70 -6.80 -23.14
N ALA A 94 10.56 -7.28 -24.09
CA ALA A 94 10.49 -8.61 -24.69
C ALA A 94 10.67 -9.70 -23.60
N ILE A 95 11.67 -9.52 -22.71
CA ILE A 95 12.02 -10.42 -21.59
C ILE A 95 10.87 -10.53 -20.56
N LEU A 96 10.32 -9.38 -20.08
CA LEU A 96 9.21 -9.31 -19.11
C LEU A 96 7.99 -10.06 -19.66
N LEU A 97 7.68 -9.88 -20.98
CA LEU A 97 6.59 -10.52 -21.72
C LEU A 97 6.77 -12.04 -21.83
N ILE A 98 7.99 -12.51 -22.20
CA ILE A 98 8.27 -13.95 -22.34
C ILE A 98 8.02 -14.67 -21.00
N LEU A 99 8.38 -14.02 -19.88
CA LEU A 99 8.14 -14.55 -18.52
C LEU A 99 6.63 -14.63 -18.22
N GLY A 100 5.91 -13.56 -18.49
CA GLY A 100 4.46 -13.50 -18.31
C GLY A 100 3.70 -14.60 -19.01
N LEU A 101 4.04 -14.88 -20.29
CA LEU A 101 3.37 -15.92 -21.06
C LEU A 101 3.84 -17.34 -20.69
N VAL A 102 5.16 -17.52 -20.42
CA VAL A 102 5.70 -18.83 -20.01
C VAL A 102 5.16 -19.27 -18.65
N LEU A 103 5.22 -18.38 -17.62
CA LEU A 103 4.71 -18.67 -16.26
C LEU A 103 3.20 -19.01 -16.24
N SER A 104 2.40 -18.41 -17.15
CA SER A 104 0.95 -18.68 -17.25
C SER A 104 0.64 -20.10 -17.80
N LEU A 105 1.57 -20.71 -18.60
CA LEU A 105 1.41 -22.09 -19.11
C LEU A 105 1.31 -23.08 -17.93
N PHE A 106 1.98 -22.74 -16.80
CA PHE A 106 2.04 -23.49 -15.55
C PHE A 106 0.81 -23.32 -14.66
N ILE A 107 -0.10 -22.40 -15.02
CA ILE A 107 -1.35 -22.25 -14.27
C ILE A 107 -2.36 -23.18 -14.99
N ASN A 108 -2.77 -22.80 -16.23
CA ASN A 108 -3.67 -23.53 -17.14
C ASN A 108 -3.83 -22.80 -18.48
N ILE A 109 -4.68 -23.33 -19.38
CA ILE A 109 -4.91 -22.78 -20.71
C ILE A 109 -5.55 -21.38 -20.63
N TYR A 110 -6.60 -21.21 -19.79
CA TYR A 110 -7.35 -19.96 -19.61
C TYR A 110 -6.47 -18.83 -19.14
N ALA A 111 -5.55 -19.11 -18.19
CA ALA A 111 -4.59 -18.14 -17.67
C ALA A 111 -3.66 -17.65 -18.77
N LEU A 112 -3.21 -18.55 -19.67
CA LEU A 112 -2.39 -18.19 -20.82
C LEU A 112 -3.18 -17.29 -21.78
N ILE A 113 -4.47 -17.65 -22.06
CA ILE A 113 -5.40 -16.89 -22.93
C ILE A 113 -5.56 -15.45 -22.40
N ILE A 114 -5.88 -15.28 -21.07
CA ILE A 114 -6.03 -13.96 -20.43
C ILE A 114 -4.70 -13.17 -20.52
N ALA A 115 -3.54 -13.85 -20.33
CA ALA A 115 -2.21 -13.22 -20.43
C ALA A 115 -1.93 -12.72 -21.84
N VAL A 116 -2.13 -13.56 -22.88
CA VAL A 116 -1.94 -13.21 -24.30
C VAL A 116 -2.82 -12.01 -24.69
N ILE A 117 -4.13 -12.08 -24.37
CA ILE A 117 -5.14 -11.05 -24.63
C ILE A 117 -4.72 -9.72 -23.99
N ASN A 118 -4.35 -9.73 -22.67
CA ASN A 118 -3.87 -8.55 -21.93
C ASN A 118 -2.70 -7.93 -22.66
N ALA A 119 -1.69 -8.76 -23.04
CA ALA A 119 -0.49 -8.38 -23.78
C ALA A 119 -0.81 -7.70 -25.11
N LEU A 120 -1.77 -8.25 -25.88
CA LEU A 120 -2.17 -7.66 -27.16
C LEU A 120 -2.82 -6.31 -26.94
N PHE A 121 -3.74 -6.22 -25.98
CA PHE A 121 -4.43 -4.96 -25.63
C PHE A 121 -3.44 -3.90 -25.15
N LEU A 122 -2.49 -4.29 -24.27
CA LEU A 122 -1.45 -3.42 -23.69
C LEU A 122 -0.59 -2.79 -24.76
N TYR A 123 -0.26 -3.55 -25.81
CA TYR A 123 0.56 -3.06 -26.91
C TYR A 123 -0.25 -2.13 -27.80
N LEU A 124 -1.48 -2.53 -28.17
CA LEU A 124 -2.39 -1.77 -29.03
C LEU A 124 -2.86 -0.47 -28.44
N TYR A 125 -3.07 -0.44 -27.12
CA TYR A 125 -3.46 0.75 -26.36
C TYR A 125 -2.29 1.73 -26.30
N ALA A 126 -1.07 1.23 -26.02
CA ALA A 126 0.15 2.04 -25.98
C ALA A 126 0.50 2.62 -27.36
N LYS A 127 0.28 1.81 -28.43
CA LYS A 127 0.57 2.17 -29.82
C LYS A 127 -0.44 3.16 -30.43
N LYS A 128 -1.77 2.90 -30.35
CA LYS A 128 -2.76 3.77 -31.01
C LYS A 128 -4.07 4.05 -30.26
N TYR A 129 -4.61 3.08 -29.53
CA TYR A 129 -5.92 3.20 -28.88
C TYR A 129 -5.92 4.05 -27.59
N LYS A 130 -4.79 4.71 -27.27
CA LYS A 130 -4.71 5.58 -26.10
C LYS A 130 -5.40 6.91 -26.39
N LYS A 131 -5.13 7.52 -27.57
CA LYS A 131 -5.75 8.81 -27.91
C LYS A 131 -7.04 8.66 -28.76
N TYR A 132 -7.49 7.40 -29.00
CA TYR A 132 -8.78 7.09 -29.62
C TYR A 132 -9.61 6.40 -28.54
N LYS A 133 -10.15 7.23 -27.64
CA LYS A 133 -10.90 6.81 -26.46
C LYS A 133 -12.14 5.91 -26.72
N PRO A 134 -12.97 5.98 -27.81
CA PRO A 134 -14.10 5.02 -27.93
C PRO A 134 -13.74 3.54 -27.70
N ILE A 135 -12.57 3.09 -28.23
CA ILE A 135 -12.03 1.72 -28.06
C ILE A 135 -11.17 1.64 -26.79
N GLY A 136 -10.41 2.72 -26.55
CA GLY A 136 -9.51 2.89 -25.41
C GLY A 136 -10.13 2.80 -24.03
N ASN A 137 -11.40 3.27 -23.89
CA ASN A 137 -12.18 3.23 -22.64
C ASN A 137 -12.42 1.76 -22.24
N PHE A 138 -12.85 0.91 -23.21
CA PHE A 138 -13.10 -0.52 -23.06
C PHE A 138 -11.83 -1.26 -22.68
N ILE A 139 -10.67 -0.83 -23.22
CA ILE A 139 -9.36 -1.42 -22.94
C ILE A 139 -9.04 -1.24 -21.44
N ILE A 140 -9.28 -0.03 -20.88
CA ILE A 140 -9.05 0.26 -19.47
C ILE A 140 -10.01 -0.53 -18.58
N GLY A 141 -11.27 -0.64 -18.99
CA GLY A 141 -12.31 -1.39 -18.29
C GLY A 141 -11.99 -2.87 -18.21
N TYR A 142 -11.64 -3.47 -19.37
CA TYR A 142 -11.28 -4.89 -19.50
C TYR A 142 -10.01 -5.24 -18.75
N LEU A 143 -8.90 -4.49 -19.00
CA LEU A 143 -7.58 -4.72 -18.37
C LEU A 143 -7.62 -4.64 -16.85
N THR A 144 -8.52 -3.80 -16.28
CA THR A 144 -8.70 -3.67 -14.83
C THR A 144 -9.45 -4.91 -14.29
N GLY A 145 -10.54 -5.29 -14.96
CA GLY A 145 -11.33 -6.46 -14.59
C GLY A 145 -10.57 -7.78 -14.68
N SER A 146 -9.68 -7.91 -15.71
CA SER A 146 -8.87 -9.11 -16.02
C SER A 146 -7.85 -9.56 -14.94
N VAL A 147 -7.38 -8.63 -14.07
CA VAL A 147 -6.42 -8.99 -13.01
C VAL A 147 -7.08 -9.93 -11.98
N PHE A 148 -8.41 -9.72 -11.69
CA PHE A 148 -9.17 -10.59 -10.78
C PHE A 148 -9.39 -11.93 -11.45
N LEU A 149 -9.96 -11.91 -12.68
CA LEU A 149 -10.22 -13.10 -13.51
C LEU A 149 -8.99 -14.00 -13.66
N PHE A 150 -7.81 -13.39 -13.54
CA PHE A 150 -6.54 -14.12 -13.65
C PHE A 150 -6.43 -15.09 -12.48
N GLY A 151 -6.37 -14.54 -11.27
CA GLY A 151 -6.30 -15.36 -10.07
C GLY A 151 -7.51 -16.26 -9.93
N GLY A 152 -8.66 -15.77 -10.37
CA GLY A 152 -9.93 -16.48 -10.35
C GLY A 152 -9.89 -17.75 -11.17
N VAL A 153 -9.29 -17.67 -12.35
CA VAL A 153 -9.19 -18.82 -13.28
C VAL A 153 -8.24 -19.89 -12.73
N ALA A 154 -7.34 -19.52 -11.81
CA ALA A 154 -6.41 -20.42 -11.13
C ALA A 154 -7.11 -21.20 -9.99
N GLY A 155 -8.25 -20.69 -9.52
CA GLY A 155 -9.03 -21.29 -8.44
C GLY A 155 -10.02 -22.37 -8.85
N LYS A 156 -10.64 -23.02 -7.84
CA LYS A 156 -11.61 -24.11 -7.99
C LYS A 156 -13.05 -23.64 -8.32
N ASN A 157 -13.44 -22.40 -7.91
CA ASN A 157 -14.78 -21.84 -8.14
C ASN A 157 -14.69 -20.42 -8.71
N VAL A 158 -14.54 -20.32 -10.04
CA VAL A 158 -14.37 -19.07 -10.77
C VAL A 158 -15.68 -18.27 -10.96
N MET A 159 -16.85 -18.92 -10.83
CA MET A 159 -18.17 -18.28 -11.02
C MET A 159 -18.29 -16.91 -10.28
N PRO A 160 -17.96 -16.73 -8.96
CA PRO A 160 -18.09 -15.39 -8.36
C PRO A 160 -17.08 -14.35 -8.91
N VAL A 161 -15.92 -14.81 -9.43
CA VAL A 161 -14.90 -13.93 -10.00
C VAL A 161 -15.32 -13.46 -11.41
N VAL A 162 -16.08 -14.29 -12.16
CA VAL A 162 -16.56 -13.94 -13.50
C VAL A 162 -17.56 -12.78 -13.40
N ILE A 163 -18.44 -12.80 -12.37
CA ILE A 163 -19.39 -11.71 -12.10
C ILE A 163 -18.59 -10.44 -11.75
N LEU A 164 -17.53 -10.56 -10.90
CA LEU A 164 -16.65 -9.44 -10.49
C LEU A 164 -15.91 -8.85 -11.69
N PHE A 165 -15.48 -9.71 -12.65
CA PHE A 165 -14.76 -9.31 -13.87
C PHE A 165 -15.68 -8.50 -14.79
N LEU A 166 -16.86 -9.03 -15.06
CA LEU A 166 -17.86 -8.40 -15.97
C LEU A 166 -18.33 -7.09 -15.37
N CYS A 167 -18.69 -7.07 -14.10
CA CYS A 167 -19.18 -5.86 -13.43
C CYS A 167 -18.13 -4.76 -13.42
N SER A 168 -16.83 -5.12 -13.21
CA SER A 168 -15.68 -4.21 -13.24
C SER A 168 -15.55 -3.59 -14.62
N LEU A 169 -15.49 -4.44 -15.69
CA LEU A 169 -15.40 -4.05 -17.10
C LEU A 169 -16.47 -3.01 -17.46
N LEU A 170 -17.75 -3.27 -17.08
CA LEU A 170 -18.87 -2.40 -17.40
C LEU A 170 -18.88 -1.09 -16.63
N SER A 171 -18.60 -1.12 -15.31
CA SER A 171 -18.62 0.10 -14.51
C SER A 171 -17.37 0.98 -14.69
N ILE A 172 -16.22 0.39 -15.10
CA ILE A 172 -15.00 1.18 -15.33
C ILE A 172 -15.09 1.86 -16.72
N TRP A 173 -15.50 1.10 -17.76
CA TRP A 173 -15.71 1.57 -19.12
C TRP A 173 -16.74 2.72 -19.12
N GLY A 174 -17.80 2.56 -18.34
CA GLY A 174 -18.85 3.57 -18.17
C GLY A 174 -18.33 4.84 -17.51
N ARG A 175 -17.53 4.69 -16.42
CA ARG A 175 -16.89 5.77 -15.65
C ARG A 175 -15.88 6.51 -16.51
N GLU A 176 -15.18 5.77 -17.41
CA GLU A 176 -14.19 6.32 -18.36
C GLU A 176 -14.84 7.32 -19.30
N ILE A 177 -16.10 7.05 -19.75
CA ILE A 177 -16.87 7.95 -20.63
C ILE A 177 -17.28 9.21 -19.85
N VAL A 178 -17.81 9.04 -18.60
CA VAL A 178 -18.20 10.12 -17.67
C VAL A 178 -16.97 11.03 -17.45
N LYS A 179 -15.78 10.42 -17.29
CA LYS A 179 -14.49 11.10 -17.15
C LYS A 179 -14.12 11.91 -18.41
N ASP A 180 -14.46 11.40 -19.61
CA ASP A 180 -14.18 12.05 -20.91
C ASP A 180 -15.10 13.23 -21.22
N PHE A 181 -16.16 13.35 -20.43
CA PHE A 181 -17.15 14.45 -20.55
C PHE A 181 -16.69 15.63 -19.69
N GLU A 182 -15.89 15.32 -18.68
CA GLU A 182 -15.28 16.26 -17.74
C GLU A 182 -14.00 16.82 -18.40
N ASP A 183 -13.30 15.97 -19.18
CA ASP A 183 -12.04 16.25 -19.90
C ASP A 183 -12.21 16.73 -21.35
N MET A 184 -13.46 16.97 -21.82
CA MET A 184 -13.83 17.39 -23.17
C MET A 184 -13.03 18.53 -23.78
N GLU A 185 -12.75 19.61 -23.00
CA GLU A 185 -12.01 20.79 -23.46
C GLU A 185 -10.52 20.53 -23.71
N GLY A 186 -9.86 19.82 -22.80
CA GLY A 186 -8.46 19.45 -22.91
C GLY A 186 -8.18 18.37 -23.94
N ASP A 187 -9.21 17.53 -24.21
CA ASP A 187 -9.18 16.45 -25.20
C ASP A 187 -9.20 17.05 -26.61
N LYS A 188 -10.16 17.96 -26.90
CA LYS A 188 -10.35 18.64 -28.19
C LYS A 188 -9.09 19.39 -28.67
N LYS A 189 -8.41 20.10 -27.74
CA LYS A 189 -7.19 20.87 -27.99
C LYS A 189 -6.00 19.96 -28.29
N GLU A 190 -5.95 18.76 -27.67
CA GLU A 190 -4.90 17.76 -27.81
C GLU A 190 -5.04 16.86 -29.07
N GLY A 191 -6.20 16.90 -29.72
CA GLY A 191 -6.50 16.08 -30.89
C GLY A 191 -6.73 14.64 -30.46
N VAL A 192 -7.66 14.47 -29.50
CA VAL A 192 -8.06 13.20 -28.90
C VAL A 192 -9.53 12.96 -29.25
N ILE A 193 -9.84 11.78 -29.78
CA ILE A 193 -11.20 11.41 -30.16
C ILE A 193 -11.86 10.67 -28.98
N SER A 194 -13.03 11.16 -28.49
CA SER A 194 -13.79 10.55 -27.40
C SER A 194 -15.30 10.61 -27.66
N LEU A 195 -16.08 9.72 -27.00
CA LEU A 195 -17.54 9.68 -27.16
C LEU A 195 -18.21 11.03 -26.86
N PRO A 196 -17.87 11.77 -25.76
CA PRO A 196 -18.51 13.09 -25.53
C PRO A 196 -18.11 14.19 -26.52
N ILE A 197 -17.14 13.93 -27.42
CA ILE A 197 -16.70 14.86 -28.45
C ILE A 197 -17.53 14.59 -29.70
N LYS A 198 -17.62 13.30 -30.09
CA LYS A 198 -18.39 12.80 -31.25
C LYS A 198 -19.90 13.03 -31.09
N TYR A 199 -20.42 12.93 -29.84
CA TYR A 199 -21.84 13.08 -29.49
C TYR A 199 -22.04 13.99 -28.25
N GLY A 200 -23.27 14.48 -28.03
CA GLY A 200 -23.57 15.35 -26.92
C GLY A 200 -23.65 14.59 -25.60
N LYS A 201 -24.82 14.67 -24.95
CA LYS A 201 -25.13 13.95 -23.71
C LYS A 201 -25.56 12.51 -24.07
N LYS A 202 -25.60 12.18 -25.39
CA LYS A 202 -25.94 10.86 -25.93
C LYS A 202 -24.94 9.81 -25.43
N SER A 203 -23.65 10.19 -25.29
CA SER A 203 -22.58 9.33 -24.77
C SER A 203 -22.86 8.98 -23.31
N LEU A 204 -23.45 9.94 -22.53
CA LEU A 204 -23.82 9.76 -21.13
C LEU A 204 -25.06 8.85 -20.96
N TYR A 205 -25.78 8.56 -22.06
CA TYR A 205 -26.93 7.64 -22.05
C TYR A 205 -26.37 6.22 -22.18
N PHE A 206 -25.30 6.05 -23.00
CA PHE A 206 -24.58 4.80 -23.18
C PHE A 206 -23.76 4.50 -21.91
N ALA A 207 -23.25 5.57 -21.24
CA ALA A 207 -22.51 5.43 -19.98
C ALA A 207 -23.47 4.86 -18.94
N THR A 208 -24.73 5.39 -18.90
CA THR A 208 -25.81 4.93 -18.02
C THR A 208 -26.10 3.46 -18.29
N PHE A 209 -26.20 3.08 -19.58
CA PHE A 209 -26.47 1.70 -20.02
C PHE A 209 -25.51 0.66 -19.42
N LEU A 210 -24.21 0.95 -19.44
CA LEU A 210 -23.25 -0.02 -18.87
C LEU A 210 -23.43 -0.02 -17.36
N VAL A 211 -23.53 1.13 -16.71
CA VAL A 211 -23.68 1.18 -15.25
C VAL A 211 -24.89 0.32 -14.83
N VAL A 212 -26.00 0.41 -15.61
CA VAL A 212 -27.24 -0.34 -15.41
C VAL A 212 -26.99 -1.86 -15.58
N LEU A 213 -26.38 -2.25 -16.69
CA LEU A 213 -26.11 -3.70 -16.94
C LEU A 213 -25.26 -4.29 -15.81
N ALA A 214 -24.20 -3.61 -15.39
CA ALA A 214 -23.35 -4.13 -14.32
C ALA A 214 -24.18 -4.38 -13.05
N VAL A 215 -25.12 -3.44 -12.74
CA VAL A 215 -26.05 -3.45 -11.60
C VAL A 215 -27.04 -4.65 -11.70
N ILE A 216 -27.38 -5.11 -12.92
CA ILE A 216 -28.27 -6.27 -13.11
C ILE A 216 -27.51 -7.59 -12.80
N LEU A 217 -26.20 -7.65 -13.15
CA LEU A 217 -25.34 -8.81 -12.90
C LEU A 217 -24.90 -8.92 -11.45
N SER A 218 -24.70 -7.77 -10.78
CA SER A 218 -24.24 -7.69 -9.38
C SER A 218 -25.01 -8.57 -8.37
N PRO A 219 -26.37 -8.72 -8.34
CA PRO A 219 -26.96 -9.61 -7.33
C PRO A 219 -26.91 -11.11 -7.65
N LEU A 220 -26.32 -11.52 -8.81
CA LEU A 220 -26.19 -12.93 -9.22
C LEU A 220 -25.43 -13.80 -8.21
N PRO A 221 -24.25 -13.44 -7.63
CA PRO A 221 -23.60 -14.32 -6.64
C PRO A 221 -24.53 -14.69 -5.47
N TYR A 222 -25.51 -13.82 -5.17
CA TYR A 222 -26.51 -14.13 -4.15
C TYR A 222 -27.55 -15.09 -4.73
N ILE A 223 -28.09 -14.76 -5.94
CA ILE A 223 -29.12 -15.53 -6.66
C ILE A 223 -28.65 -16.98 -6.92
N LEU A 224 -27.36 -17.16 -7.25
CA LEU A 224 -26.72 -18.44 -7.51
C LEU A 224 -26.29 -19.18 -6.23
N LYS A 225 -26.74 -18.68 -5.07
CA LYS A 225 -26.49 -19.22 -3.72
C LYS A 225 -24.99 -19.38 -3.41
N ILE A 226 -24.15 -18.44 -3.93
CA ILE A 226 -22.71 -18.45 -3.72
C ILE A 226 -22.35 -17.53 -2.54
N PHE A 227 -22.91 -16.31 -2.50
CA PHE A 227 -22.63 -15.35 -1.41
C PHE A 227 -23.83 -15.15 -0.48
N GLY A 228 -23.55 -14.77 0.76
CA GLY A 228 -24.56 -14.58 1.80
C GLY A 228 -25.32 -13.27 1.84
N ILE A 229 -25.91 -13.00 3.02
CA ILE A 229 -26.71 -11.82 3.36
C ILE A 229 -25.88 -10.53 3.27
N TRP A 230 -24.67 -10.52 3.86
CA TRP A 230 -23.76 -9.37 3.90
C TRP A 230 -23.43 -8.82 2.53
N TYR A 231 -23.29 -9.72 1.55
CA TYR A 231 -23.05 -9.36 0.16
C TYR A 231 -24.28 -8.61 -0.36
N LEU A 232 -25.46 -9.27 -0.30
CA LEU A 232 -26.75 -8.76 -0.72
C LEU A 232 -27.07 -7.35 -0.19
N ILE A 233 -26.77 -7.07 1.08
CA ILE A 233 -27.00 -5.77 1.70
C ILE A 233 -26.04 -4.71 1.12
N LEU A 234 -24.72 -4.99 1.12
CA LEU A 234 -23.66 -4.12 0.59
C LEU A 234 -23.93 -3.77 -0.87
N ILE A 235 -24.25 -4.79 -1.70
CA ILE A 235 -24.59 -4.65 -3.11
C ILE A 235 -25.91 -3.85 -3.29
N ALA A 236 -26.94 -4.07 -2.44
CA ALA A 236 -28.19 -3.30 -2.53
C ALA A 236 -27.99 -1.78 -2.27
N ILE A 237 -27.14 -1.41 -1.29
CA ILE A 237 -26.85 0.01 -1.00
C ILE A 237 -26.13 0.65 -2.21
N CYS A 238 -25.15 -0.08 -2.78
CA CYS A 238 -24.35 0.38 -3.90
C CYS A 238 -25.10 0.41 -5.24
N ASP A 239 -25.92 -0.62 -5.54
CA ASP A 239 -26.71 -0.71 -6.77
C ASP A 239 -27.64 0.47 -6.91
N ILE A 240 -28.28 0.88 -5.79
CA ILE A 240 -29.18 2.04 -5.71
C ILE A 240 -28.38 3.35 -5.95
N LEU A 241 -27.18 3.48 -5.32
CA LEU A 241 -26.30 4.64 -5.46
C LEU A 241 -25.73 4.79 -6.86
N PHE A 242 -25.40 3.66 -7.54
CA PHE A 242 -24.88 3.62 -8.92
C PHE A 242 -25.88 4.23 -9.90
N ILE A 243 -27.16 3.84 -9.79
CA ILE A 243 -28.25 4.33 -10.65
C ILE A 243 -28.57 5.80 -10.30
N TYR A 244 -28.50 6.13 -8.99
CA TYR A 244 -28.72 7.49 -8.48
C TYR A 244 -27.70 8.47 -9.05
N ALA A 245 -26.42 8.06 -9.07
CA ALA A 245 -25.32 8.86 -9.61
C ALA A 245 -25.59 9.21 -11.09
N MET A 246 -25.91 8.19 -11.91
CA MET A 246 -26.21 8.32 -13.36
C MET A 246 -27.41 9.18 -13.63
N ALA A 247 -28.46 9.04 -12.80
CA ALA A 247 -29.70 9.81 -12.89
C ALA A 247 -29.39 11.29 -12.65
N LEU A 248 -28.47 11.62 -11.72
CA LEU A 248 -28.05 12.99 -11.41
C LEU A 248 -27.26 13.61 -12.55
N LEU A 249 -26.37 12.83 -13.20
CA LEU A 249 -25.59 13.34 -14.32
C LEU A 249 -26.48 13.58 -15.53
N LEU A 250 -27.49 12.71 -15.77
CA LEU A 250 -28.43 12.90 -16.88
C LEU A 250 -29.32 14.13 -16.68
N LYS A 251 -29.59 14.49 -15.39
CA LYS A 251 -30.37 15.67 -14.98
C LYS A 251 -29.61 16.94 -15.33
N GLU A 252 -28.35 17.06 -14.85
CA GLU A 252 -27.45 18.19 -15.06
C GLU A 252 -26.17 17.71 -15.81
N PRO A 253 -26.23 17.53 -17.16
CA PRO A 253 -25.04 17.04 -17.87
C PRO A 253 -24.02 18.13 -18.18
N ASN A 254 -23.29 18.57 -17.14
CA ASN A 254 -22.24 19.59 -17.26
C ASN A 254 -20.90 19.10 -16.68
N LYS A 255 -19.82 19.86 -16.91
CA LYS A 255 -18.46 19.52 -16.47
C LYS A 255 -18.35 19.26 -14.96
N GLU A 256 -18.90 20.17 -14.12
CA GLU A 256 -18.85 20.10 -12.65
C GLU A 256 -19.53 18.84 -12.07
N THR A 257 -20.73 18.46 -12.57
CA THR A 257 -21.49 17.27 -12.13
C THR A 257 -20.76 16.00 -12.57
N ALA A 258 -20.23 15.99 -13.83
CA ALA A 258 -19.46 14.88 -14.39
C ALA A 258 -18.21 14.59 -13.52
N SER A 259 -17.60 15.66 -12.94
CA SER A 259 -16.45 15.62 -12.04
C SER A 259 -16.81 14.99 -10.69
N LYS A 260 -17.89 15.47 -10.05
CA LYS A 260 -18.37 14.97 -8.77
C LYS A 260 -18.83 13.50 -8.89
N VAL A 261 -19.63 13.17 -9.94
CA VAL A 261 -20.17 11.82 -10.19
C VAL A 261 -19.02 10.81 -10.39
N SER A 262 -17.97 11.18 -11.14
CA SER A 262 -16.75 10.38 -11.37
C SER A 262 -16.04 9.96 -10.05
N LYS A 263 -15.99 10.88 -9.07
CA LYS A 263 -15.37 10.69 -7.74
C LYS A 263 -16.20 9.71 -6.90
N PHE A 264 -17.52 9.91 -6.86
CA PHE A 264 -18.45 9.08 -6.13
C PHE A 264 -18.40 7.63 -6.62
N LEU A 265 -18.42 7.41 -7.96
CA LEU A 265 -18.36 6.10 -8.59
C LEU A 265 -17.08 5.36 -8.23
N LYS A 266 -15.98 6.10 -7.99
CA LYS A 266 -14.73 5.48 -7.58
C LYS A 266 -14.87 4.91 -6.17
N ILE A 267 -15.64 5.60 -5.28
CA ILE A 267 -15.89 5.15 -3.90
C ILE A 267 -16.75 3.91 -3.89
N ILE A 268 -17.96 3.99 -4.50
CA ILE A 268 -18.92 2.88 -4.54
C ILE A 268 -18.41 1.71 -5.40
N MET A 269 -17.28 1.86 -6.09
CA MET A 269 -16.68 0.74 -6.79
C MET A 269 -15.86 -0.07 -5.81
N ASN A 270 -15.15 0.61 -4.88
CA ASN A 270 -14.33 0.01 -3.82
C ASN A 270 -15.22 -0.74 -2.81
N ILE A 271 -16.39 -0.14 -2.44
CA ILE A 271 -17.38 -0.74 -1.52
C ILE A 271 -17.90 -2.08 -2.11
N VAL A 272 -18.03 -2.17 -3.45
CA VAL A 272 -18.44 -3.39 -4.17
C VAL A 272 -17.30 -4.44 -4.12
N LEU A 273 -16.01 -4.02 -4.27
CA LEU A 273 -14.87 -4.93 -4.20
C LEU A 273 -14.79 -5.54 -2.82
N LEU A 274 -14.96 -4.68 -1.77
CA LEU A 274 -14.99 -5.07 -0.37
C LEU A 274 -16.09 -6.12 -0.17
N ALA A 275 -17.32 -5.86 -0.72
CA ALA A 275 -18.48 -6.76 -0.65
C ALA A 275 -18.19 -8.16 -1.20
N PHE A 276 -17.33 -8.26 -2.25
CA PHE A 276 -16.92 -9.54 -2.85
C PHE A 276 -15.95 -10.28 -1.95
N ILE A 277 -15.06 -9.54 -1.25
CA ILE A 277 -14.08 -10.11 -0.31
C ILE A 277 -14.82 -10.59 0.96
N VAL A 278 -15.73 -9.76 1.48
CA VAL A 278 -16.59 -10.02 2.66
C VAL A 278 -17.49 -11.28 2.41
N GLY A 279 -18.02 -11.38 1.19
CA GLY A 279 -18.84 -12.50 0.75
C GLY A 279 -18.07 -13.81 0.71
N ALA A 280 -16.79 -13.74 0.29
CA ALA A 280 -15.90 -14.89 0.20
C ALA A 280 -15.37 -15.33 1.57
N ILE A 281 -15.14 -14.37 2.52
CA ILE A 281 -14.69 -14.63 3.91
C ILE A 281 -15.74 -15.52 4.61
N LYS A 282 -17.04 -15.22 4.38
CA LYS A 282 -18.18 -15.98 4.92
C LYS A 282 -18.42 -17.31 4.16
N LEU A 283 -17.32 -17.90 3.61
CA LEU A 283 -17.19 -19.17 2.88
C LEU A 283 -18.44 -19.58 2.06
N MET B 5 -17.69 13.73 1.85
CA MET B 5 -17.70 14.99 2.59
C MET B 5 -16.31 15.61 2.71
N GLU B 6 -16.22 16.96 2.68
CA GLU B 6 -14.96 17.69 2.83
C GLU B 6 -14.51 17.65 4.29
N LYS B 7 -15.47 17.76 5.26
CA LYS B 7 -15.14 17.69 6.69
C LYS B 7 -14.64 16.29 7.08
N LEU B 8 -15.09 15.24 6.38
CA LEU B 8 -14.63 13.86 6.61
C LEU B 8 -13.16 13.73 6.19
N LYS B 9 -12.80 14.19 4.97
CA LYS B 9 -11.43 14.15 4.46
C LYS B 9 -10.48 15.04 5.28
N THR B 10 -11.03 16.09 5.93
CA THR B 10 -10.31 16.99 6.83
C THR B 10 -9.86 16.20 8.08
N TYR B 11 -10.78 15.37 8.66
CA TYR B 11 -10.47 14.50 9.80
C TYR B 11 -9.56 13.33 9.43
N LEU B 12 -9.67 12.83 8.16
CA LEU B 12 -8.82 11.74 7.63
C LEU B 12 -7.41 12.25 7.36
N GLU B 13 -7.28 13.57 7.05
CA GLU B 13 -6.02 14.26 6.81
C GLU B 13 -5.31 14.45 8.16
N LEU B 14 -6.09 14.73 9.24
CA LEU B 14 -5.59 14.94 10.61
C LEU B 14 -5.03 13.65 11.24
N ILE B 15 -5.76 12.51 11.14
CA ILE B 15 -5.34 11.19 11.68
C ILE B 15 -4.24 10.51 10.85
N ARG B 16 -4.02 10.99 9.59
CA ARG B 16 -3.10 10.42 8.60
C ARG B 16 -3.48 8.95 8.43
N VAL B 17 -4.64 8.73 7.78
CA VAL B 17 -5.29 7.45 7.55
C VAL B 17 -4.35 6.40 6.91
N LYS B 18 -3.52 6.80 5.92
CA LYS B 18 -2.58 5.92 5.23
C LYS B 18 -1.53 5.37 6.19
N ASN B 19 -0.92 6.24 7.01
CA ASN B 19 0.09 5.89 8.00
C ASN B 19 -0.48 4.91 9.05
N CYS B 20 -1.76 5.09 9.44
CA CYS B 20 -2.46 4.24 10.40
C CYS B 20 -2.73 2.85 9.83
N ILE B 21 -3.15 2.76 8.54
CA ILE B 21 -3.40 1.48 7.88
C ILE B 21 -2.07 0.72 7.86
N THR B 22 -0.97 1.44 7.58
CA THR B 22 0.41 0.94 7.53
C THR B 22 0.84 0.31 8.88
N ALA B 23 0.62 1.02 10.00
CA ALA B 23 0.94 0.54 11.34
C ALA B 23 0.07 -0.67 11.72
N SER B 24 -1.23 -0.62 11.34
CA SER B 24 -2.22 -1.67 11.59
C SER B 24 -1.86 -2.97 10.87
N ILE B 25 -1.39 -2.86 9.60
CA ILE B 25 -0.89 -3.98 8.78
C ILE B 25 0.35 -4.60 9.50
N GLY B 26 1.17 -3.73 10.10
CA GLY B 26 2.32 -4.12 10.91
C GLY B 26 1.90 -4.86 12.17
N GLY B 27 0.69 -4.54 12.65
CA GLY B 27 0.06 -5.17 13.81
C GLY B 27 -0.41 -6.57 13.47
N ILE B 28 -1.15 -6.71 12.35
CA ILE B 28 -1.66 -7.99 11.85
C ILE B 28 -0.48 -8.92 11.53
N ILE B 29 0.62 -8.37 10.96
CA ILE B 29 1.85 -9.10 10.63
C ILE B 29 2.35 -9.85 11.88
N GLY B 30 2.43 -9.13 13.01
CA GLY B 30 2.83 -9.68 14.30
C GLY B 30 1.89 -10.74 14.81
N TYR B 31 0.57 -10.60 14.48
CA TYR B 31 -0.45 -11.57 14.87
C TYR B 31 -0.35 -12.85 14.06
N LEU B 32 -0.06 -12.72 12.74
CA LEU B 32 0.11 -13.84 11.81
C LEU B 32 1.27 -14.75 12.26
N ILE B 33 2.46 -14.15 12.51
CA ILE B 33 3.67 -14.83 12.99
C ILE B 33 3.39 -15.58 14.30
N SER B 34 2.74 -14.91 15.28
CA SER B 34 2.43 -15.47 16.59
C SER B 34 1.43 -16.64 16.56
N SER B 35 0.39 -16.54 15.70
CA SER B 35 -0.63 -17.58 15.55
C SER B 35 -0.24 -18.63 14.48
N ASN B 36 0.96 -18.47 13.86
CA ASN B 36 1.54 -19.33 12.81
C ASN B 36 0.61 -19.43 11.59
N PHE B 37 0.06 -18.26 11.21
CA PHE B 37 -0.88 -17.97 10.13
C PHE B 37 -2.29 -18.55 10.38
N GLU B 38 -2.58 -18.95 11.64
CA GLU B 38 -3.90 -19.47 12.05
C GLU B 38 -4.74 -18.34 12.66
N ILE B 39 -5.37 -17.56 11.75
CA ILE B 39 -6.19 -16.37 11.98
C ILE B 39 -7.58 -16.64 12.51
N ASP B 40 -8.04 -15.78 13.45
CA ASP B 40 -9.38 -15.70 14.01
C ASP B 40 -9.82 -14.28 13.63
N ILE B 41 -10.92 -14.16 12.86
CA ILE B 41 -11.46 -12.87 12.37
C ILE B 41 -11.74 -11.88 13.51
N LEU B 42 -12.21 -12.39 14.66
CA LEU B 42 -12.51 -11.58 15.84
C LEU B 42 -11.25 -11.02 16.52
N LYS B 43 -10.18 -11.83 16.65
CA LYS B 43 -8.94 -11.30 17.25
C LYS B 43 -8.23 -10.37 16.25
N SER B 44 -8.27 -10.71 14.92
CA SER B 44 -7.71 -9.94 13.80
C SER B 44 -8.32 -8.55 13.72
N LEU B 45 -9.63 -8.43 14.00
CA LEU B 45 -10.33 -7.15 13.95
C LEU B 45 -9.96 -6.25 15.11
N LEU B 46 -9.77 -6.80 16.32
CA LEU B 46 -9.34 -6.03 17.49
C LEU B 46 -7.93 -5.48 17.27
N VAL B 47 -6.98 -6.35 16.85
CA VAL B 47 -5.58 -5.99 16.56
C VAL B 47 -5.49 -4.87 15.53
N PHE B 48 -6.26 -4.96 14.43
CA PHE B 48 -6.27 -3.94 13.38
C PHE B 48 -6.82 -2.59 13.87
N PHE B 49 -7.80 -2.58 14.79
CA PHE B 49 -8.35 -1.32 15.22
C PHE B 49 -7.70 -0.72 16.46
N VAL B 50 -7.15 -1.54 17.40
CA VAL B 50 -6.44 -0.99 18.56
C VAL B 50 -5.21 -0.23 18.05
N VAL B 51 -4.49 -0.83 17.07
CA VAL B 51 -3.31 -0.22 16.43
C VAL B 51 -3.73 0.99 15.60
N PHE B 52 -4.89 0.94 14.94
CA PHE B 52 -5.41 2.05 14.15
C PHE B 52 -5.76 3.27 15.01
N PHE B 53 -6.48 3.07 16.13
CA PHE B 53 -6.90 4.18 16.99
C PHE B 53 -5.76 4.80 17.80
N VAL B 54 -4.82 3.97 18.32
CA VAL B 54 -3.65 4.41 19.10
C VAL B 54 -2.73 5.24 18.19
N CYS B 55 -2.62 4.81 16.92
CA CYS B 55 -1.86 5.46 15.86
C CYS B 55 -2.56 6.76 15.45
N ALA B 56 -3.90 6.72 15.33
CA ALA B 56 -4.72 7.88 15.01
C ALA B 56 -4.57 8.93 16.12
N TYR B 57 -4.56 8.50 17.40
CA TYR B 57 -4.39 9.36 18.58
C TYR B 57 -3.01 10.03 18.59
N GLY B 58 -1.95 9.26 18.35
CA GLY B 58 -0.58 9.75 18.30
C GLY B 58 -0.43 10.83 17.26
N ASN B 59 -0.93 10.55 16.04
CA ASN B 59 -0.92 11.46 14.88
C ASN B 59 -1.71 12.76 15.13
N VAL B 60 -2.79 12.70 15.93
CA VAL B 60 -3.67 13.82 16.28
C VAL B 60 -3.05 14.66 17.38
N ILE B 61 -2.51 14.02 18.45
CA ILE B 61 -1.89 14.73 19.58
C ILE B 61 -0.60 15.47 19.13
N ASN B 62 0.02 15.01 18.03
CA ASN B 62 1.22 15.65 17.46
C ASN B 62 0.87 16.97 16.78
N ASP B 63 -0.22 17.00 16.00
CA ASP B 63 -0.69 18.18 15.27
C ASP B 63 -1.12 19.30 16.20
N ILE B 64 -1.60 18.95 17.42
CA ILE B 64 -2.05 19.87 18.48
C ILE B 64 -0.86 20.65 19.06
N PHE B 65 0.24 19.95 19.40
CA PHE B 65 1.47 20.53 19.96
C PHE B 65 2.31 21.28 18.92
N ASP B 66 2.19 20.88 17.65
CA ASP B 66 2.91 21.49 16.54
C ASP B 66 2.08 22.51 15.76
N ILE B 67 0.98 23.04 16.35
CA ILE B 67 0.13 24.03 15.65
C ILE B 67 0.87 25.36 15.48
N GLU B 68 1.63 25.79 16.51
CA GLU B 68 2.39 27.03 16.54
C GLU B 68 3.55 26.99 15.55
N ILE B 69 4.12 25.79 15.35
CA ILE B 69 5.24 25.53 14.45
C ILE B 69 4.77 25.32 13.00
N ASP B 70 3.61 24.64 12.80
CA ASP B 70 3.04 24.35 11.47
C ASP B 70 2.43 25.57 10.79
N ARG B 71 2.30 26.71 11.51
CA ARG B 71 1.82 27.97 10.92
C ARG B 71 2.92 28.57 10.05
N ILE B 72 4.11 27.93 10.06
CA ILE B 72 5.31 28.29 9.32
C ILE B 72 5.77 27.04 8.51
N ASN B 73 6.28 26.01 9.24
CA ASN B 73 6.85 24.76 8.72
C ASN B 73 5.95 24.05 7.70
N LYS B 74 4.84 23.41 8.14
CA LYS B 74 3.92 22.69 7.26
C LYS B 74 2.50 23.32 7.27
N PRO B 75 2.28 24.45 6.55
CA PRO B 75 0.92 25.05 6.52
C PRO B 75 0.01 24.25 5.58
N SER B 76 -1.29 24.59 5.55
CA SER B 76 -2.37 23.93 4.79
C SER B 76 -2.89 22.64 5.47
N ARG B 77 -2.27 22.27 6.61
CA ARG B 77 -2.63 21.12 7.43
C ARG B 77 -3.98 21.41 8.17
N PRO B 78 -4.80 20.40 8.56
CA PRO B 78 -6.11 20.70 9.18
C PRO B 78 -6.11 21.77 10.26
N LEU B 79 -5.24 21.65 11.28
CA LEU B 79 -5.19 22.58 12.41
C LEU B 79 -4.66 24.01 12.07
N PRO B 80 -3.46 24.22 11.45
CA PRO B 80 -3.02 25.61 11.19
C PRO B 80 -3.79 26.36 10.11
N SER B 81 -4.55 25.63 9.26
CA SER B 81 -5.37 26.18 8.17
C SER B 81 -6.85 26.40 8.55
N GLY B 82 -7.12 26.54 9.84
CA GLY B 82 -8.45 26.79 10.38
C GLY B 82 -9.52 25.72 10.21
N LYS B 83 -9.29 24.73 9.29
CA LYS B 83 -10.20 23.62 8.95
C LYS B 83 -10.80 22.94 10.20
N ILE B 84 -9.97 22.76 11.25
CA ILE B 84 -10.36 22.22 12.55
C ILE B 84 -9.85 23.18 13.64
N LYS B 85 -10.73 23.59 14.58
CA LYS B 85 -10.38 24.45 15.71
C LYS B 85 -9.56 23.60 16.69
N LEU B 86 -8.63 24.21 17.46
CA LEU B 86 -7.78 23.44 18.38
C LEU B 86 -8.56 22.54 19.36
N ASN B 87 -9.72 23.04 19.85
CA ASN B 87 -10.59 22.30 20.77
C ASN B 87 -11.31 21.13 20.10
N GLU B 88 -11.60 21.23 18.77
CA GLU B 88 -12.24 20.15 17.99
C GLU B 88 -11.31 18.93 18.01
N ALA B 89 -9.99 19.18 17.74
CA ALA B 89 -8.91 18.20 17.71
C ALA B 89 -8.63 17.60 19.09
N LYS B 90 -8.62 18.43 20.15
CA LYS B 90 -8.39 18.00 21.53
C LYS B 90 -9.47 17.01 22.00
N LYS B 91 -10.76 17.28 21.66
CA LYS B 91 -11.93 16.42 21.99
C LYS B 91 -11.84 15.10 21.22
N PHE B 92 -11.40 15.18 19.95
CA PHE B 92 -11.23 14.05 19.05
C PHE B 92 -10.11 13.10 19.50
N SER B 93 -8.93 13.62 19.95
CA SER B 93 -7.83 12.76 20.43
C SER B 93 -8.24 11.96 21.64
N ALA B 94 -9.08 12.54 22.52
CA ALA B 94 -9.59 11.88 23.72
C ALA B 94 -10.41 10.62 23.33
N ILE B 95 -11.32 10.78 22.32
CA ILE B 95 -12.19 9.74 21.78
C ILE B 95 -11.41 8.54 21.19
N LEU B 96 -10.48 8.82 20.24
CA LEU B 96 -9.62 7.83 19.57
C LEU B 96 -8.85 7.00 20.60
N LEU B 97 -8.31 7.70 21.65
CA LEU B 97 -7.55 7.12 22.77
C LEU B 97 -8.43 6.20 23.64
N ILE B 98 -9.66 6.65 24.01
CA ILE B 98 -10.57 5.84 24.84
C ILE B 98 -10.90 4.50 24.13
N LEU B 99 -11.07 4.54 22.79
CA LEU B 99 -11.31 3.37 21.95
C LEU B 99 -10.09 2.42 21.97
N GLY B 100 -8.91 2.98 21.76
CA GLY B 100 -7.65 2.24 21.77
C GLY B 100 -7.42 1.45 23.06
N LEU B 101 -7.67 2.08 24.22
CA LEU B 101 -7.47 1.43 25.51
C LEU B 101 -8.62 0.45 25.87
N VAL B 102 -9.88 0.82 25.54
CA VAL B 102 -11.04 -0.04 25.81
C VAL B 102 -10.98 -1.32 24.96
N LEU B 103 -10.77 -1.21 23.62
CA LEU B 103 -10.67 -2.35 22.70
C LEU B 103 -9.54 -3.34 23.08
N SER B 104 -8.40 -2.83 23.66
CA SER B 104 -7.28 -3.67 24.09
C SER B 104 -7.61 -4.53 25.33
N LEU B 105 -8.59 -4.11 26.19
CA LEU B 105 -9.04 -4.89 27.36
C LEU B 105 -9.60 -6.24 26.89
N PHE B 106 -10.18 -6.26 25.67
CA PHE B 106 -10.79 -7.42 24.99
C PHE B 106 -9.77 -8.36 24.32
N ILE B 107 -8.48 -7.97 24.28
CA ILE B 107 -7.44 -8.83 23.76
C ILE B 107 -6.91 -9.60 25.00
N ASN B 108 -6.19 -8.89 25.90
CA ASN B 108 -5.62 -9.37 27.19
C ASN B 108 -4.94 -8.22 27.96
N ILE B 109 -4.35 -8.54 29.12
CA ILE B 109 -3.69 -7.56 29.98
C ILE B 109 -2.46 -6.92 29.29
N TYR B 110 -1.60 -7.75 28.65
CA TYR B 110 -0.37 -7.34 27.95
C TYR B 110 -0.67 -6.35 26.84
N ALA B 111 -1.73 -6.60 26.05
CA ALA B 111 -2.17 -5.73 24.96
C ALA B 111 -2.57 -4.36 25.49
N LEU B 112 -3.26 -4.31 26.65
CA LEU B 112 -3.64 -3.06 27.32
C LEU B 112 -2.37 -2.31 27.77
N ILE B 113 -1.39 -3.03 28.39
CA ILE B 113 -0.08 -2.50 28.85
C ILE B 113 0.66 -1.84 27.69
N ILE B 114 0.82 -2.57 26.53
CA ILE B 114 1.49 -2.04 25.32
C ILE B 114 0.74 -0.80 24.80
N ALA B 115 -0.62 -0.81 24.81
CA ALA B 115 -1.45 0.33 24.38
C ALA B 115 -1.23 1.55 25.27
N VAL B 116 -1.30 1.40 26.62
CA VAL B 116 -1.08 2.48 27.60
C VAL B 116 0.33 3.10 27.42
N ILE B 117 1.37 2.23 27.37
CA ILE B 117 2.77 2.62 27.20
C ILE B 117 2.95 3.42 25.90
N ASN B 118 2.43 2.91 24.75
CA ASN B 118 2.47 3.60 23.44
C ASN B 118 1.87 4.98 23.57
N ALA B 119 0.66 5.08 24.18
CA ALA B 119 -0.09 6.31 24.44
C ALA B 119 0.72 7.33 25.25
N LEU B 120 1.41 6.87 26.31
CA LEU B 120 2.24 7.75 27.13
C LEU B 120 3.41 8.28 26.32
N PHE B 121 4.10 7.39 25.59
CA PHE B 121 5.23 7.76 24.75
C PHE B 121 4.83 8.74 23.63
N LEU B 122 3.73 8.43 22.88
CA LEU B 122 3.20 9.24 21.76
C LEU B 122 2.91 10.68 22.18
N TYR B 123 2.38 10.86 23.42
CA TYR B 123 2.06 12.15 23.98
C TYR B 123 3.34 12.87 24.40
N LEU B 124 4.23 12.16 25.14
CA LEU B 124 5.50 12.67 25.64
C LEU B 124 6.45 13.08 24.55
N TYR B 125 6.44 12.35 23.41
CA TYR B 125 7.23 12.64 22.21
C TYR B 125 6.67 13.88 21.52
N ALA B 126 5.32 14.00 21.44
CA ALA B 126 4.60 15.13 20.84
C ALA B 126 4.81 16.41 21.65
N LYS B 127 4.80 16.29 22.99
CA LYS B 127 4.96 17.40 23.91
C LYS B 127 6.39 17.97 23.99
N LYS B 128 7.42 17.10 24.22
CA LYS B 128 8.80 17.58 24.42
C LYS B 128 9.95 16.73 23.84
N TYR B 129 9.84 15.39 23.86
CA TYR B 129 10.93 14.51 23.45
C TYR B 129 11.21 14.46 21.94
N LYS B 130 10.46 15.22 21.14
CA LYS B 130 10.67 15.28 19.68
C LYS B 130 11.95 16.08 19.37
N LYS B 131 12.14 17.26 20.01
CA LYS B 131 13.33 18.09 19.76
C LYS B 131 14.52 17.73 20.68
N TYR B 132 14.35 16.74 21.60
CA TYR B 132 15.41 16.20 22.46
C TYR B 132 15.62 14.76 22.01
N LYS B 133 16.36 14.61 20.90
CA LYS B 133 16.61 13.35 20.22
C LYS B 133 17.31 12.24 21.09
N PRO B 134 18.22 12.46 22.10
CA PRO B 134 18.75 11.30 22.85
C PRO B 134 17.68 10.31 23.39
N ILE B 135 16.54 10.83 23.91
CA ILE B 135 15.39 10.04 24.40
C ILE B 135 14.41 9.75 23.25
N GLY B 136 14.24 10.74 22.36
CA GLY B 136 13.38 10.70 21.19
C GLY B 136 13.68 9.62 20.16
N ASN B 137 14.98 9.26 19.98
CA ASN B 137 15.45 8.20 19.07
C ASN B 137 14.87 6.83 19.54
N PHE B 138 14.98 6.55 20.87
CA PHE B 138 14.48 5.34 21.53
C PHE B 138 12.97 5.24 21.41
N ILE B 139 12.26 6.39 21.46
CA ILE B 139 10.81 6.45 21.34
C ILE B 139 10.39 5.96 19.95
N ILE B 140 11.10 6.39 18.88
CA ILE B 140 10.83 5.97 17.50
C ILE B 140 11.14 4.47 17.32
N GLY B 141 12.25 4.01 17.91
CA GLY B 141 12.67 2.62 17.86
C GLY B 141 11.67 1.70 18.52
N TYR B 142 11.24 2.05 19.77
CA TYR B 142 10.28 1.29 20.57
C TYR B 142 8.90 1.27 19.93
N LEU B 143 8.33 2.47 19.58
CA LEU B 143 6.99 2.61 18.98
C LEU B 143 6.84 1.85 17.67
N THR B 144 7.93 1.72 16.89
CA THR B 144 7.95 0.95 15.64
C THR B 144 7.91 -0.55 15.94
N GLY B 145 8.76 -1.00 16.86
CA GLY B 145 8.82 -2.40 17.27
C GLY B 145 7.55 -2.90 17.93
N SER B 146 6.87 -2.04 18.73
CA SER B 146 5.63 -2.31 19.50
C SER B 146 4.38 -2.70 18.68
N VAL B 147 4.29 -2.27 17.39
CA VAL B 147 3.14 -2.61 16.55
C VAL B 147 3.11 -4.14 16.27
N PHE B 148 4.30 -4.78 16.11
CA PHE B 148 4.40 -6.24 15.91
C PHE B 148 4.03 -6.92 17.21
N LEU B 149 4.72 -6.54 18.32
CA LEU B 149 4.50 -7.07 19.69
C LEU B 149 3.02 -7.03 20.09
N PHE B 150 2.28 -6.07 19.56
CA PHE B 150 0.84 -6.03 19.84
C PHE B 150 0.24 -7.32 19.31
N GLY B 151 0.12 -7.41 17.99
CA GLY B 151 -0.50 -8.59 17.37
C GLY B 151 0.10 -9.88 17.87
N GLY B 152 1.39 -9.83 18.19
CA GLY B 152 2.15 -10.95 18.73
C GLY B 152 1.62 -11.41 20.07
N VAL B 153 1.31 -10.44 20.92
CA VAL B 153 0.81 -10.69 22.30
C VAL B 153 -0.61 -11.27 22.26
N ALA B 154 -1.34 -11.09 21.15
CA ALA B 154 -2.67 -11.63 20.92
C ALA B 154 -2.62 -13.10 20.47
N GLY B 155 -1.46 -13.53 19.97
CA GLY B 155 -1.24 -14.90 19.48
C GLY B 155 -0.85 -15.93 20.52
N LYS B 156 -0.79 -17.21 20.09
CA LYS B 156 -0.46 -18.38 20.92
C LYS B 156 1.05 -18.58 21.18
N ASN B 157 1.93 -18.10 20.26
CA ASN B 157 3.39 -18.23 20.38
C ASN B 157 4.10 -16.88 20.11
N VAL B 158 4.21 -16.06 21.17
CA VAL B 158 4.78 -14.71 21.11
C VAL B 158 6.33 -14.69 21.05
N MET B 159 7.00 -15.79 21.46
CA MET B 159 8.46 -15.87 21.47
C MET B 159 9.14 -15.34 20.16
N PRO B 160 8.75 -15.76 18.91
CA PRO B 160 9.41 -15.18 17.73
C PRO B 160 9.12 -13.68 17.50
N VAL B 161 7.98 -13.17 18.00
CA VAL B 161 7.60 -11.76 17.86
C VAL B 161 8.41 -10.89 18.87
N VAL B 162 8.78 -11.46 20.04
CA VAL B 162 9.56 -10.74 21.06
C VAL B 162 10.97 -10.47 20.52
N ILE B 163 11.56 -11.44 19.80
CA ILE B 163 12.87 -11.29 19.15
C ILE B 163 12.74 -10.19 18.06
N LEU B 164 11.65 -10.21 17.25
CA LEU B 164 11.37 -9.22 16.20
C LEU B 164 11.19 -7.81 16.79
N PHE B 165 10.55 -7.70 17.98
CA PHE B 165 10.30 -6.43 18.67
C PHE B 165 11.62 -5.83 19.15
N LEU B 166 12.43 -6.62 19.85
CA LEU B 166 13.72 -6.13 20.41
C LEU B 166 14.68 -5.79 19.28
N CYS B 167 14.80 -6.65 18.29
CA CYS B 167 15.71 -6.38 17.17
C CYS B 167 15.35 -5.11 16.43
N SER B 168 14.02 -4.84 16.23
CA SER B 168 13.48 -3.63 15.61
C SER B 168 13.85 -2.41 16.43
N LEU B 169 13.55 -2.42 17.76
CA LEU B 169 13.87 -1.36 18.72
C LEU B 169 15.36 -0.97 18.65
N LEU B 170 16.27 -1.96 18.66
CA LEU B 170 17.71 -1.72 18.64
C LEU B 170 18.23 -1.22 17.30
N SER B 171 17.79 -1.79 16.18
CA SER B 171 18.28 -1.37 14.86
C SER B 171 17.65 -0.05 14.38
N ILE B 172 16.43 0.31 14.84
CA ILE B 172 15.80 1.57 14.44
C ILE B 172 16.41 2.73 15.26
N TRP B 173 16.56 2.53 16.59
CA TRP B 173 17.16 3.49 17.52
C TRP B 173 18.60 3.80 17.08
N GLY B 174 19.32 2.76 16.65
CA GLY B 174 20.68 2.87 16.15
C GLY B 174 20.77 3.67 14.86
N ARG B 175 19.84 3.37 13.90
CA ARG B 175 19.70 4.04 12.59
C ARG B 175 19.30 5.50 12.78
N GLU B 176 18.47 5.80 13.81
CA GLU B 176 18.03 7.15 14.17
C GLU B 176 19.22 8.03 14.54
N ILE B 177 20.24 7.47 15.24
CA ILE B 177 21.46 8.19 15.62
C ILE B 177 22.31 8.46 14.36
N VAL B 178 22.50 7.42 13.50
CA VAL B 178 23.22 7.51 12.22
C VAL B 178 22.58 8.63 11.35
N LYS B 179 21.23 8.71 11.37
CA LYS B 179 20.42 9.73 10.70
C LYS B 179 20.68 11.13 11.28
N ASP B 180 20.89 11.26 12.62
CA ASP B 180 21.14 12.52 13.31
C ASP B 180 22.57 13.06 13.08
N PHE B 181 23.46 12.21 12.56
CA PHE B 181 24.84 12.52 12.23
C PHE B 181 24.91 13.15 10.82
N GLU B 182 23.90 12.84 10.00
CA GLU B 182 23.72 13.34 8.64
C GLU B 182 23.02 14.70 8.76
N ASP B 183 21.95 14.75 9.60
CA ASP B 183 21.09 15.91 9.91
C ASP B 183 21.76 17.01 10.77
N MET B 184 22.97 16.76 11.31
CA MET B 184 23.77 17.64 12.19
C MET B 184 23.82 19.14 11.84
N GLU B 185 23.80 19.48 10.53
CA GLU B 185 23.87 20.85 10.01
C GLU B 185 22.65 21.69 10.41
N GLY B 186 21.45 21.22 10.03
CA GLY B 186 20.17 21.85 10.30
C GLY B 186 19.62 21.62 11.70
N ASP B 187 20.15 20.59 12.41
CA ASP B 187 19.80 20.21 13.79
C ASP B 187 20.36 21.27 14.73
N LYS B 188 21.65 21.65 14.54
CA LYS B 188 22.37 22.66 15.32
C LYS B 188 21.71 24.04 15.16
N LYS B 189 21.25 24.37 13.93
CA LYS B 189 20.59 25.63 13.58
C LYS B 189 19.06 25.52 13.65
N GLU B 190 18.56 24.91 14.73
CA GLU B 190 17.12 24.69 14.99
C GLU B 190 16.86 24.51 16.51
N GLY B 191 17.94 24.46 17.29
CA GLY B 191 17.86 24.27 18.74
C GLY B 191 17.46 22.87 19.13
N VAL B 192 17.88 21.89 18.30
CA VAL B 192 17.63 20.46 18.50
C VAL B 192 18.84 19.90 19.25
N ILE B 193 18.60 19.06 20.27
CA ILE B 193 19.66 18.37 21.02
C ILE B 193 19.69 16.91 20.51
N SER B 194 20.88 16.44 20.08
CA SER B 194 21.08 15.07 19.59
C SER B 194 22.42 14.49 20.03
N LEU B 195 22.60 13.16 19.94
CA LEU B 195 23.84 12.50 20.31
C LEU B 195 25.03 12.98 19.44
N PRO B 196 24.94 13.08 18.08
CA PRO B 196 26.10 13.57 17.29
C PRO B 196 26.42 15.06 17.48
N ILE B 197 25.56 15.83 18.21
CA ILE B 197 25.80 17.25 18.55
C ILE B 197 26.60 17.28 19.85
N LYS B 198 26.10 16.56 20.88
CA LYS B 198 26.71 16.43 22.21
C LYS B 198 28.10 15.78 22.18
N TYR B 199 28.30 14.80 21.27
CA TYR B 199 29.55 14.03 21.10
C TYR B 199 29.97 13.94 19.62
N GLY B 200 31.22 13.57 19.37
CA GLY B 200 31.74 13.44 18.00
C GLY B 200 31.26 12.17 17.34
N LYS B 201 32.22 11.32 16.92
CA LYS B 201 31.95 10.01 16.32
C LYS B 201 31.68 8.99 17.43
N LYS B 202 31.75 9.43 18.70
CA LYS B 202 31.49 8.62 19.89
C LYS B 202 30.05 8.11 19.87
N SER B 203 29.10 8.93 19.39
CA SER B 203 27.68 8.57 19.24
C SER B 203 27.52 7.41 18.23
N LEU B 204 28.37 7.39 17.18
CA LEU B 204 28.42 6.36 16.14
C LEU B 204 29.01 5.03 16.66
N TYR B 205 29.66 5.05 17.85
CA TYR B 205 30.20 3.85 18.49
C TYR B 205 29.05 3.18 19.25
N PHE B 206 28.17 4.01 19.87
CA PHE B 206 26.97 3.58 20.57
C PHE B 206 25.93 3.10 19.53
N ALA B 207 25.91 3.75 18.33
CA ALA B 207 25.02 3.34 17.23
C ALA B 207 25.41 1.94 16.81
N THR B 208 26.75 1.67 16.69
CA THR B 208 27.33 0.38 16.36
C THR B 208 26.91 -0.66 17.39
N PHE B 209 26.99 -0.30 18.69
CA PHE B 209 26.64 -1.15 19.81
C PHE B 209 25.22 -1.73 19.72
N LEU B 210 24.23 -0.89 19.39
CA LEU B 210 22.82 -1.28 19.26
C LEU B 210 22.64 -2.18 18.04
N VAL B 211 23.33 -1.87 16.90
CA VAL B 211 23.27 -2.67 15.68
C VAL B 211 23.84 -4.08 15.96
N VAL B 212 24.95 -4.15 16.74
CA VAL B 212 25.64 -5.38 17.14
C VAL B 212 24.72 -6.23 18.04
N LEU B 213 24.17 -5.64 19.09
CA LEU B 213 23.27 -6.39 19.99
C LEU B 213 22.14 -7.02 19.17
N ALA B 214 21.43 -6.22 18.38
CA ALA B 214 20.28 -6.73 17.63
C ALA B 214 20.69 -7.96 16.82
N VAL B 215 21.91 -7.93 16.22
CA VAL B 215 22.54 -8.99 15.40
C VAL B 215 22.83 -10.26 16.26
N ILE B 216 23.08 -10.09 17.58
CA ILE B 216 23.30 -11.23 18.48
C ILE B 216 21.97 -11.96 18.80
N LEU B 217 20.86 -11.18 18.93
CA LEU B 217 19.52 -11.72 19.20
C LEU B 217 18.88 -12.33 17.97
N SER B 218 19.16 -11.78 16.77
CA SER B 218 18.60 -12.23 15.49
C SER B 218 18.68 -13.76 15.22
N PRO B 219 19.78 -14.53 15.48
CA PRO B 219 19.70 -15.98 15.19
C PRO B 219 18.97 -16.83 16.24
N LEU B 220 18.44 -16.22 17.34
CA LEU B 220 17.70 -16.93 18.39
C LEU B 220 16.47 -17.71 17.89
N PRO B 221 15.55 -17.19 17.04
CA PRO B 221 14.42 -18.02 16.57
C PRO B 221 14.87 -19.33 15.93
N TYR B 222 16.09 -19.35 15.37
CA TYR B 222 16.66 -20.59 14.82
C TYR B 222 17.18 -21.46 15.97
N ILE B 223 17.97 -20.86 16.89
CA ILE B 223 18.59 -21.52 18.05
C ILE B 223 17.53 -22.17 18.94
N LEU B 224 16.37 -21.51 19.13
CA LEU B 224 15.24 -21.96 19.93
C LEU B 224 14.33 -22.94 19.19
N LYS B 225 14.79 -23.41 18.01
CA LYS B 225 14.12 -24.38 17.12
C LYS B 225 12.69 -23.92 16.72
N ILE B 226 12.50 -22.59 16.55
CA ILE B 226 11.22 -22.01 16.15
C ILE B 226 11.18 -21.82 14.63
N PHE B 227 12.25 -21.24 14.04
CA PHE B 227 12.32 -21.01 12.59
C PHE B 227 13.32 -21.94 11.88
N GLY B 228 13.07 -22.19 10.60
CA GLY B 228 13.87 -23.10 9.79
C GLY B 228 15.15 -22.57 9.17
N ILE B 229 15.62 -23.28 8.13
CA ILE B 229 16.83 -23.01 7.34
C ILE B 229 16.75 -21.66 6.62
N TRP B 230 15.62 -21.37 5.95
CA TRP B 230 15.39 -20.14 5.17
C TRP B 230 15.56 -18.88 5.98
N TYR B 231 15.16 -18.93 7.25
CA TYR B 231 15.33 -17.83 8.18
C TYR B 231 16.83 -17.63 8.41
N LEU B 232 17.52 -18.69 8.88
CA LEU B 232 18.95 -18.74 9.16
C LEU B 232 19.82 -18.18 8.03
N ILE B 233 19.50 -18.51 6.77
CA ILE B 233 20.24 -18.02 5.60
C ILE B 233 20.01 -16.51 5.40
N LEU B 234 18.73 -16.08 5.34
CA LEU B 234 18.32 -14.68 5.18
C LEU B 234 18.95 -13.80 6.26
N ILE B 235 18.86 -14.24 7.53
CA ILE B 235 19.43 -13.55 8.69
C ILE B 235 20.97 -13.54 8.61
N ALA B 236 21.64 -14.64 8.17
CA ALA B 236 23.10 -14.66 8.03
C ALA B 236 23.62 -13.64 6.98
N ILE B 237 22.91 -13.48 5.83
CA ILE B 237 23.30 -12.48 4.80
C ILE B 237 23.17 -11.06 5.39
N CYS B 238 22.07 -10.81 6.11
CA CYS B 238 21.77 -9.50 6.70
C CYS B 238 22.62 -9.15 7.91
N ASP B 239 22.88 -10.11 8.82
CA ASP B 239 23.71 -9.92 10.01
C ASP B 239 25.11 -9.46 9.64
N ILE B 240 25.69 -10.06 8.58
CA ILE B 240 27.01 -9.73 8.05
C ILE B 240 26.98 -8.30 7.44
N LEU B 241 25.92 -7.96 6.67
CA LEU B 241 25.73 -6.65 6.04
C LEU B 241 25.53 -5.52 7.06
N PHE B 242 24.81 -5.81 8.17
CA PHE B 242 24.54 -4.87 9.27
C PHE B 242 25.84 -4.40 9.93
N ILE B 243 26.74 -5.35 10.23
CA ILE B 243 28.05 -5.10 10.85
C ILE B 243 28.98 -4.40 9.83
N TYR B 244 28.89 -4.82 8.55
CA TYR B 244 29.67 -4.24 7.45
C TYR B 244 29.34 -2.76 7.26
N ALA B 245 28.04 -2.41 7.30
CA ALA B 245 27.56 -1.03 7.17
C ALA B 245 28.18 -0.16 8.27
N MET B 246 28.08 -0.59 9.55
CA MET B 246 28.62 0.11 10.74
C MET B 246 30.11 0.28 10.70
N ALA B 247 30.82 -0.77 10.22
CA ALA B 247 32.28 -0.77 10.08
C ALA B 247 32.70 0.29 9.06
N LEU B 248 31.92 0.47 7.96
CA LEU B 248 32.19 1.48 6.93
C LEU B 248 31.98 2.89 7.45
N LEU B 249 30.93 3.11 8.26
CA LEU B 249 30.67 4.43 8.83
C LEU B 249 31.73 4.80 9.85
N LEU B 250 32.22 3.82 10.65
CA LEU B 250 33.28 4.09 11.64
C LEU B 250 34.61 4.42 10.94
N LYS B 251 34.83 3.87 9.71
CA LYS B 251 36.01 4.10 8.87
C LYS B 251 36.02 5.55 8.39
N GLU B 252 34.92 5.98 7.74
CA GLU B 252 34.73 7.33 7.21
C GLU B 252 33.51 8.01 7.90
N PRO B 253 33.66 8.55 9.12
CA PRO B 253 32.49 9.16 9.80
C PRO B 253 32.20 10.59 9.34
N ASN B 254 31.63 10.71 8.12
CA ASN B 254 31.23 11.99 7.55
C ASN B 254 29.76 11.98 7.11
N LYS B 255 29.22 13.16 6.73
CA LYS B 255 27.81 13.35 6.33
C LYS B 255 27.38 12.43 5.19
N GLU B 256 28.17 12.36 4.10
CA GLU B 256 27.88 11.56 2.89
C GLU B 256 27.78 10.05 3.16
N THR B 257 28.70 9.47 3.97
CA THR B 257 28.71 8.03 4.33
C THR B 257 27.54 7.73 5.26
N ALA B 258 27.26 8.63 6.24
CA ALA B 258 26.13 8.52 7.16
C ALA B 258 24.79 8.46 6.39
N SER B 259 24.71 9.20 5.26
CA SER B 259 23.56 9.26 4.34
C SER B 259 23.36 7.94 3.60
N LYS B 260 24.43 7.41 2.98
CA LYS B 260 24.43 6.16 2.23
C LYS B 260 24.13 4.97 3.16
N VAL B 261 24.79 4.91 4.35
CA VAL B 261 24.64 3.83 5.35
C VAL B 261 23.19 3.78 5.85
N SER B 262 22.58 4.95 6.14
CA SER B 262 21.18 5.10 6.57
C SER B 262 20.16 4.46 5.57
N LYS B 263 20.41 4.61 4.24
CA LYS B 263 19.61 4.07 3.15
C LYS B 263 19.71 2.55 3.08
N PHE B 264 20.94 2.03 3.15
CA PHE B 264 21.23 0.61 3.11
C PHE B 264 20.56 -0.13 4.27
N LEU B 265 20.67 0.42 5.51
CA LEU B 265 20.06 -0.14 6.73
C LEU B 265 18.55 -0.22 6.62
N LYS B 266 17.94 0.64 5.81
CA LYS B 266 16.47 0.55 5.68
C LYS B 266 16.13 -0.62 4.78
N ILE B 267 16.99 -0.91 3.80
CA ILE B 267 16.78 -2.05 2.92
C ILE B 267 16.91 -3.35 3.70
N ILE B 268 18.08 -3.57 4.34
CA ILE B 268 18.39 -4.78 5.10
C ILE B 268 17.50 -4.91 6.35
N MET B 269 16.71 -3.89 6.69
CA MET B 269 15.76 -4.02 7.78
C MET B 269 14.50 -4.70 7.25
N ASN B 270 14.09 -4.37 6.02
CA ASN B 270 12.93 -4.96 5.32
C ASN B 270 13.18 -6.44 5.00
N ILE B 271 14.42 -6.78 4.55
CA ILE B 271 14.85 -8.16 4.23
C ILE B 271 14.75 -9.04 5.50
N VAL B 272 15.02 -8.46 6.70
CA VAL B 272 14.89 -9.13 8.00
C VAL B 272 13.39 -9.35 8.34
N LEU B 273 12.51 -8.35 8.06
CA LEU B 273 11.06 -8.49 8.30
C LEU B 273 10.51 -9.60 7.44
N LEU B 274 10.90 -9.62 6.15
CA LEU B 274 10.54 -10.65 5.18
C LEU B 274 10.94 -12.02 5.73
N ALA B 275 12.21 -12.15 6.24
CA ALA B 275 12.78 -13.37 6.82
C ALA B 275 11.93 -13.93 7.98
N PHE B 276 11.28 -13.03 8.77
CA PHE B 276 10.40 -13.42 9.88
C PHE B 276 9.07 -13.93 9.37
N ILE B 277 8.55 -13.36 8.27
CA ILE B 277 7.30 -13.78 7.63
C ILE B 277 7.52 -15.13 6.93
N VAL B 278 8.64 -15.26 6.19
CA VAL B 278 9.07 -16.48 5.47
C VAL B 278 9.28 -17.66 6.46
N GLY B 279 9.87 -17.35 7.62
CA GLY B 279 10.11 -18.31 8.70
C GLY B 279 8.82 -18.82 9.31
N ALA B 280 7.83 -17.92 9.43
CA ALA B 280 6.51 -18.20 9.96
C ALA B 280 5.63 -18.97 8.98
N ILE B 281 5.76 -18.69 7.64
CA ILE B 281 5.00 -19.39 6.57
C ILE B 281 5.37 -20.87 6.64
N LYS B 282 6.70 -21.15 6.65
CA LYS B 282 7.27 -22.49 6.76
C LYS B 282 7.14 -22.93 8.24
N LEU B 283 5.87 -23.14 8.69
CA LEU B 283 5.43 -23.54 10.03
C LEU B 283 3.89 -23.56 10.06
#